data_8PQF
#
_entry.id   8PQF
#
_cell.length_a   58.090
_cell.length_b   59.250
_cell.length_c   191.830
_cell.angle_alpha   90.000
_cell.angle_beta   90.000
_cell.angle_gamma   90.000
#
_symmetry.space_group_name_H-M   'P 21 21 21'
#
loop_
_entity.id
_entity.type
_entity.pdbx_description
1 polymer 'Mast/stem cell growth factor receptor Kit'
2 non-polymer 'methyl ~{N}-[(1~{S})-1-(4-fluorophenyl)-1-[2-[4-[6-(1-methylpyrazol-4-yl)pyrrolo[2,1-f][1,2,4]triazin-4-yl]piperazin-1-yl]pyrimidin-5-yl]ethyl]carbamate'
3 water water
#
_entity_poly.entity_id   1
_entity_poly.type   'polypeptide(L)'
_entity_poly.pdbx_seq_one_letter_code
;GSMPMYEVQWKVVEESNGNNYSYIDPTQLPYDHKWEFPRNRLSFGKTLGAGAFGKVVEATAQGLIKSDAAMTVAVKMLKP
SAHSTEREALMSELKVLSYLGNHENIVNLLGACTHGGPTLVITEYCCYGDLLNFLRRKRDEFVPYKVAPEDLYKDFLTLE
HLLSFSYQVAKGMAFLASKNCIHRDLAARNILLTHGNITKICDFGLARDIKNDSNYVDKGNARLPVKWMAPESIFNSVYT
FESDVWSYGIFLWELFSLGSSPYPGMPVDSKFYKMIKEGFRMSSPEYAPAEMYDIMKTCWDADPDKRPTFKQIVQDIEKQ
ISESTNH
;
_entity_poly.pdbx_strand_id   A,C
#
loop_
_chem_comp.id
_chem_comp.type
_chem_comp.name
_chem_comp.formula
9KI non-polymer 'methyl ~{N}-[(1~{S})-1-(4-fluorophenyl)-1-[2-[4-[6-(1-methylpyrazol-4-yl)pyrrolo[2,1-f][1,2,4]triazin-4-yl]piperazin-1-yl]pyrimidin-5-yl]ethyl]carbamate' 'C28 H29 F N10 O2'
#
# COMPACT_ATOMS: atom_id res chain seq x y z
N ASN A 19 -22.40 27.30 -14.68
CA ASN A 19 -22.82 27.16 -13.28
C ASN A 19 -24.07 26.29 -13.15
N ASN A 20 -24.28 25.41 -14.14
CA ASN A 20 -25.44 24.53 -14.09
C ASN A 20 -25.26 23.42 -13.05
N TYR A 21 -24.03 23.08 -12.70
CA TYR A 21 -23.72 22.14 -11.63
C TYR A 21 -22.91 22.85 -10.56
N SER A 22 -23.21 22.55 -9.29
CA SER A 22 -22.48 23.14 -8.18
C SER A 22 -22.37 22.14 -7.03
N TYR A 23 -21.42 22.40 -6.15
CA TYR A 23 -21.30 21.65 -4.90
C TYR A 23 -22.31 22.20 -3.91
N ILE A 24 -23.12 21.31 -3.33
CA ILE A 24 -24.12 21.72 -2.36
C ILE A 24 -23.43 22.05 -1.05
N ASP A 25 -23.51 23.32 -0.64
CA ASP A 25 -22.93 23.79 0.61
C ASP A 25 -23.85 23.38 1.75
N PRO A 26 -23.42 22.47 2.63
CA PRO A 26 -24.32 22.00 3.69
C PRO A 26 -24.78 23.10 4.62
N THR A 27 -23.99 24.16 4.81
CA THR A 27 -24.36 25.28 5.66
C THR A 27 -25.37 26.21 5.00
N GLN A 28 -25.59 26.09 3.69
CA GLN A 28 -26.62 26.86 3.01
C GLN A 28 -27.98 26.17 3.05
N LEU A 29 -28.04 24.89 3.39
CA LEU A 29 -29.30 24.18 3.42
C LEU A 29 -30.13 24.62 4.62
N PRO A 30 -31.46 24.55 4.51
CA PRO A 30 -32.31 24.93 5.66
C PRO A 30 -32.13 23.97 6.82
N TYR A 31 -32.29 24.50 8.02
CA TYR A 31 -32.34 23.66 9.20
C TYR A 31 -33.54 22.73 9.11
N ASP A 32 -33.30 21.43 9.30
CA ASP A 32 -34.37 20.44 9.22
C ASP A 32 -35.04 20.34 10.59
N HIS A 33 -36.32 20.70 10.64
CA HIS A 33 -37.05 20.71 11.91
C HIS A 33 -37.35 19.32 12.45
N LYS A 34 -36.95 18.25 11.76
CA LYS A 34 -37.02 16.93 12.36
C LYS A 34 -36.17 16.86 13.62
N TRP A 35 -35.13 17.70 13.71
CA TRP A 35 -34.27 17.71 14.88
C TRP A 35 -34.89 18.42 16.07
N GLU A 36 -35.91 19.25 15.85
CA GLU A 36 -36.39 20.12 16.91
C GLU A 36 -36.93 19.30 18.08
N PHE A 37 -36.61 19.74 19.29
CA PHE A 37 -36.94 19.07 20.54
C PHE A 37 -37.34 20.14 21.56
N PRO A 38 -38.37 19.89 22.36
CA PRO A 38 -38.85 20.92 23.29
C PRO A 38 -37.83 21.23 24.38
N ARG A 39 -37.58 22.53 24.57
CA ARG A 39 -36.61 23.00 25.55
C ARG A 39 -36.97 22.54 26.97
N ASN A 40 -38.26 22.53 27.30
CA ASN A 40 -38.72 22.19 28.64
C ASN A 40 -38.48 20.73 29.01
N ARG A 41 -38.12 19.88 28.05
CA ARG A 41 -37.90 18.46 28.33
C ARG A 41 -36.45 18.12 28.63
N LEU A 42 -35.57 19.12 28.76
CA LEU A 42 -34.19 18.93 29.16
C LEU A 42 -34.02 19.40 30.59
N SER A 43 -33.32 18.60 31.39
CA SER A 43 -32.90 18.98 32.73
C SER A 43 -31.38 19.04 32.76
N PHE A 44 -30.83 20.22 33.02
CA PHE A 44 -29.39 20.42 32.91
C PHE A 44 -28.66 19.93 34.15
N GLY A 45 -27.50 19.32 33.93
CA GLY A 45 -26.69 18.82 35.03
C GLY A 45 -25.30 19.42 35.09
N LYS A 46 -24.29 18.59 35.29
CA LYS A 46 -22.93 19.09 35.47
C LYS A 46 -22.34 19.58 34.16
N THR A 47 -21.52 20.63 34.26
CA THR A 47 -20.85 21.19 33.09
C THR A 47 -19.75 20.25 32.62
N LEU A 48 -19.77 19.89 31.34
CA LEU A 48 -18.79 19.00 30.74
C LEU A 48 -17.64 19.74 30.08
N GLY A 49 -17.88 20.95 29.59
CA GLY A 49 -16.82 21.76 29.02
C GLY A 49 -17.25 23.21 29.01
N ALA A 50 -16.28 24.10 29.14
CA ALA A 50 -16.58 25.53 29.23
C ALA A 50 -15.47 26.32 28.52
N GLY A 51 -15.85 27.47 27.99
CA GLY A 51 -14.89 28.29 27.28
C GLY A 51 -15.48 29.65 26.96
N ALA A 52 -14.82 30.35 26.04
CA ALA A 52 -15.21 31.72 25.72
C ALA A 52 -16.61 31.77 25.10
N PHE A 53 -16.93 30.80 24.23
CA PHE A 53 -18.19 30.86 23.49
C PHE A 53 -19.37 30.44 24.35
N GLY A 54 -19.19 29.47 25.23
CA GLY A 54 -20.29 28.94 26.02
C GLY A 54 -19.88 27.70 26.77
N LYS A 55 -20.76 26.71 26.82
CA LYS A 55 -20.45 25.51 27.57
C LYS A 55 -21.20 24.33 26.98
N VAL A 56 -20.69 23.14 27.27
CA VAL A 56 -21.38 21.88 27.01
C VAL A 56 -21.72 21.28 28.36
N VAL A 57 -22.98 20.87 28.52
CA VAL A 57 -23.46 20.40 29.81
C VAL A 57 -24.11 19.04 29.62
N GLU A 58 -23.95 18.18 30.64
CA GLU A 58 -24.71 16.95 30.70
C GLU A 58 -26.16 17.26 31.02
N ALA A 59 -27.08 16.46 30.46
CA ALA A 59 -28.49 16.71 30.69
C ALA A 59 -29.27 15.41 30.52
N THR A 60 -30.45 15.38 31.13
CA THR A 60 -31.42 14.33 30.93
C THR A 60 -32.52 14.85 30.02
N ALA A 61 -32.78 14.13 28.94
CA ALA A 61 -33.80 14.50 27.97
C ALA A 61 -34.97 13.54 28.10
N GLN A 62 -36.15 14.07 28.44
CA GLN A 62 -37.33 13.27 28.64
C GLN A 62 -38.09 13.12 27.32
N GLY A 63 -38.20 11.88 26.84
CA GLY A 63 -38.97 11.62 25.63
C GLY A 63 -38.24 11.88 24.34
N LEU A 64 -36.91 11.87 24.35
CA LEU A 64 -36.16 12.22 23.14
C LEU A 64 -36.20 11.08 22.12
N ILE A 65 -35.91 9.86 22.56
CA ILE A 65 -35.90 8.70 21.66
C ILE A 65 -37.19 7.92 21.83
N LYS A 66 -37.46 7.48 23.05
CA LYS A 66 -38.72 6.84 23.40
C LYS A 66 -39.56 7.81 24.20
N SER A 67 -40.87 7.83 23.93
CA SER A 67 -41.75 8.88 24.45
C SER A 67 -41.74 8.94 25.98
N ASP A 68 -41.64 7.80 26.63
CA ASP A 68 -41.79 7.71 28.09
C ASP A 68 -40.47 7.54 28.83
N ALA A 69 -39.35 7.57 28.12
CA ALA A 69 -38.05 7.31 28.72
C ALA A 69 -37.18 8.56 28.71
N ALA A 70 -36.44 8.77 29.79
CA ALA A 70 -35.42 9.81 29.84
C ALA A 70 -34.07 9.20 29.50
N MET A 71 -33.22 10.00 28.85
CA MET A 71 -31.89 9.57 28.50
C MET A 71 -30.90 10.70 28.76
N THR A 72 -29.66 10.32 29.01
CA THR A 72 -28.59 11.28 29.23
C THR A 72 -28.06 11.76 27.88
N VAL A 73 -27.94 13.08 27.73
CA VAL A 73 -27.43 13.70 26.51
C VAL A 73 -26.39 14.73 26.89
N ALA A 74 -25.69 15.23 25.88
CA ALA A 74 -24.82 16.40 26.00
C ALA A 74 -25.49 17.56 25.27
N VAL A 75 -25.46 18.75 25.88
CA VAL A 75 -26.14 19.91 25.32
C VAL A 75 -25.13 21.04 25.18
N LYS A 76 -24.96 21.53 23.96
CA LYS A 76 -24.01 22.59 23.64
C LYS A 76 -24.77 23.91 23.46
N MET A 77 -24.27 24.96 24.10
CA MET A 77 -25.00 26.22 24.17
C MET A 77 -24.04 27.40 24.22
N LEU A 78 -24.51 28.54 23.72
CA LEU A 78 -23.73 29.77 23.73
C LEU A 78 -24.06 30.60 24.96
N LYS A 79 -23.13 31.48 25.32
CA LYS A 79 -23.42 32.49 26.32
C LYS A 79 -24.40 33.50 25.74
N PRO A 80 -25.20 34.15 26.60
CA PRO A 80 -26.12 35.18 26.08
C PRO A 80 -25.41 36.31 25.36
N SER A 81 -24.18 36.64 25.79
CA SER A 81 -23.44 37.76 25.24
C SER A 81 -22.86 37.49 23.86
N ALA A 82 -22.97 36.25 23.35
CA ALA A 82 -22.32 35.91 22.09
C ALA A 82 -22.88 36.73 20.94
N HIS A 83 -21.99 37.18 20.05
CA HIS A 83 -22.41 37.92 18.88
C HIS A 83 -23.22 37.00 17.95
N SER A 84 -24.06 37.62 17.11
CA SER A 84 -24.87 36.86 16.17
C SER A 84 -24.03 36.02 15.24
N THR A 85 -22.75 36.36 15.06
CA THR A 85 -21.85 35.53 14.28
C THR A 85 -21.53 34.21 15.00
N GLU A 86 -21.47 34.24 16.33
CA GLU A 86 -21.29 32.99 17.08
C GLU A 86 -22.54 32.12 16.99
N ARG A 87 -23.71 32.75 16.95
CA ARG A 87 -24.95 31.99 16.79
C ARG A 87 -25.01 31.32 15.43
N GLU A 88 -24.55 32.02 14.39
CA GLU A 88 -24.51 31.43 13.06
C GLU A 88 -23.53 30.26 13.00
N ALA A 89 -22.41 30.37 13.73
CA ALA A 89 -21.41 29.30 13.69
C ALA A 89 -21.92 28.04 14.37
N LEU A 90 -22.67 28.20 15.47
CA LEU A 90 -23.27 27.03 16.11
C LEU A 90 -24.31 26.40 15.20
N MET A 91 -25.08 27.22 14.49
N MET A 91 -25.08 27.22 14.48
CA MET A 91 -26.06 26.69 13.54
CA MET A 91 -26.06 26.66 13.54
C MET A 91 -25.36 25.98 12.38
C MET A 91 -25.37 25.98 12.37
N SER A 92 -24.25 26.55 11.89
CA SER A 92 -23.50 25.91 10.81
C SER A 92 -22.97 24.56 11.25
N GLU A 93 -22.48 24.46 12.48
CA GLU A 93 -22.06 23.17 13.02
C GLU A 93 -23.22 22.18 13.03
N LEU A 94 -24.39 22.64 13.48
CA LEU A 94 -25.59 21.80 13.48
C LEU A 94 -25.89 21.30 12.07
N LYS A 95 -25.82 22.19 11.08
CA LYS A 95 -26.11 21.79 9.72
C LYS A 95 -25.05 20.84 9.16
N VAL A 96 -23.79 20.98 9.59
CA VAL A 96 -22.75 20.07 9.14
C VAL A 96 -23.01 18.67 9.69
N LEU A 97 -23.33 18.58 10.98
CA LEU A 97 -23.63 17.28 11.58
C LEU A 97 -24.86 16.64 10.93
N SER A 98 -25.87 17.44 10.63
CA SER A 98 -27.07 16.91 9.96
CA SER A 98 -27.05 16.89 9.98
C SER A 98 -26.72 16.37 8.57
N TYR A 99 -25.87 17.08 7.85
CA TYR A 99 -25.49 16.64 6.50
C TYR A 99 -24.63 15.39 6.55
N LEU A 100 -23.71 15.31 7.52
CA LEU A 100 -22.84 14.14 7.63
C LEU A 100 -23.63 12.87 7.85
N GLY A 101 -24.65 12.94 8.70
CA GLY A 101 -25.39 11.74 9.03
C GLY A 101 -24.74 10.93 10.12
N ASN A 102 -25.34 9.77 10.37
CA ASN A 102 -24.87 8.92 11.45
CA ASN A 102 -24.90 8.88 11.43
C ASN A 102 -23.62 8.14 11.06
N HIS A 103 -22.72 8.00 12.04
CA HIS A 103 -21.54 7.15 11.92
C HIS A 103 -21.15 6.73 13.32
N GLU A 104 -20.66 5.49 13.43
CA GLU A 104 -20.38 4.93 14.75
C GLU A 104 -19.28 5.69 15.47
N ASN A 105 -18.31 6.24 14.73
CA ASN A 105 -17.12 6.82 15.32
C ASN A 105 -17.16 8.35 15.39
N ILE A 106 -18.35 8.95 15.32
CA ILE A 106 -18.49 10.38 15.54
C ILE A 106 -19.58 10.60 16.57
N VAL A 107 -19.44 11.66 17.36
CA VAL A 107 -20.46 12.04 18.34
C VAL A 107 -21.67 12.55 17.58
N ASN A 108 -22.75 11.78 17.60
CA ASN A 108 -23.85 12.00 16.67
C ASN A 108 -24.88 12.98 17.22
N LEU A 109 -25.42 13.78 16.31
CA LEU A 109 -26.45 14.74 16.63
C LEU A 109 -27.75 14.02 17.00
N LEU A 110 -28.40 14.49 18.06
CA LEU A 110 -29.68 13.93 18.49
C LEU A 110 -30.84 14.90 18.38
N GLY A 111 -30.60 16.20 18.51
CA GLY A 111 -31.69 17.16 18.41
C GLY A 111 -31.17 18.56 18.59
N ALA A 112 -32.10 19.51 18.57
CA ALA A 112 -31.75 20.91 18.74
C ALA A 112 -32.96 21.67 19.27
N CYS A 113 -32.70 22.77 19.97
CA CYS A 113 -33.72 23.69 20.44
C CYS A 113 -33.44 25.04 19.81
N THR A 114 -34.25 25.41 18.81
CA THR A 114 -34.06 26.64 18.07
C THR A 114 -35.22 27.61 18.15
N HIS A 115 -36.33 27.23 18.78
CA HIS A 115 -37.48 28.12 18.87
C HIS A 115 -37.27 29.15 19.97
N GLY A 117 -35.61 30.21 23.14
CA GLY A 117 -34.47 30.93 23.71
C GLY A 117 -33.17 30.68 22.99
N PRO A 118 -32.08 30.47 23.74
CA PRO A 118 -30.78 30.26 23.11
C PRO A 118 -30.75 28.95 22.35
N THR A 119 -29.91 28.92 21.30
CA THR A 119 -29.78 27.71 20.50
C THR A 119 -29.08 26.62 21.32
N LEU A 120 -29.69 25.45 21.37
CA LEU A 120 -29.14 24.28 22.05
C LEU A 120 -28.95 23.17 21.02
N VAL A 121 -27.75 22.58 21.01
CA VAL A 121 -27.46 21.44 20.15
C VAL A 121 -27.28 20.21 21.04
N ILE A 122 -28.11 19.20 20.80
CA ILE A 122 -28.16 17.99 21.64
C ILE A 122 -27.43 16.87 20.90
N THR A 123 -26.40 16.31 21.54
CA THR A 123 -25.65 15.19 20.96
C THR A 123 -25.63 14.02 21.94
N GLU A 124 -25.06 12.89 21.48
CA GLU A 124 -24.84 11.73 22.32
C GLU A 124 -23.97 12.09 23.51
N TYR A 125 -24.18 11.40 24.62
CA TYR A 125 -23.35 11.52 25.81
C TYR A 125 -22.39 10.35 25.86
N CYS A 126 -21.09 10.63 25.92
CA CYS A 126 -20.05 9.61 25.99
C CYS A 126 -19.60 9.49 27.44
N CYS A 127 -19.91 8.36 28.07
CA CYS A 127 -19.83 8.23 29.52
C CYS A 127 -18.40 8.27 30.05
N TYR A 128 -17.40 7.94 29.23
CA TYR A 128 -16.03 7.88 29.73
C TYR A 128 -15.24 9.17 29.49
N GLY A 129 -15.86 10.17 28.87
CA GLY A 129 -15.19 11.44 28.67
C GLY A 129 -14.15 11.39 27.56
N ASP A 130 -13.27 12.38 27.59
CA ASP A 130 -12.28 12.52 26.53
C ASP A 130 -11.17 11.49 26.69
N LEU A 131 -10.56 11.12 25.56
CA LEU A 131 -9.58 10.04 25.55
C LEU A 131 -8.28 10.46 26.23
N LEU A 132 -7.94 11.75 26.19
CA LEU A 132 -6.69 12.20 26.79
C LEU A 132 -6.68 11.97 28.29
N ASN A 133 -7.74 12.38 28.99
CA ASN A 133 -7.84 12.14 30.42
C ASN A 133 -7.99 10.66 30.73
N PHE A 134 -8.70 9.92 29.87
CA PHE A 134 -8.84 8.48 30.06
C PHE A 134 -7.47 7.80 30.04
N LEU A 135 -6.62 8.17 29.07
CA LEU A 135 -5.29 7.58 29.00
C LEU A 135 -4.47 7.92 30.24
N ARG A 136 -4.57 9.16 30.72
CA ARG A 136 -3.79 9.55 31.89
C ARG A 136 -4.27 8.83 33.15
N ARG A 137 -5.57 8.55 33.24
CA ARG A 137 -6.07 7.74 34.35
C ARG A 137 -5.48 6.34 34.31
N LYS A 138 -5.49 5.70 33.14
CA LYS A 138 -5.12 4.30 32.99
C LYS A 138 -3.62 4.10 32.77
N ARG A 139 -2.84 5.19 32.73
CA ARG A 139 -1.42 5.07 32.40
C ARG A 139 -0.68 4.17 33.37
N ASP A 140 -0.92 4.37 34.67
CA ASP A 140 -0.16 3.64 35.69
C ASP A 140 -0.39 2.14 35.60
N GLU A 141 -1.62 1.72 35.32
CA GLU A 141 -1.97 0.30 35.26
C GLU A 141 -1.91 -0.26 33.84
N PHE A 142 -1.33 0.47 32.89
CA PHE A 142 -1.26 -0.03 31.53
C PHE A 142 -0.32 -1.21 31.42
N VAL A 143 -0.74 -2.23 30.70
CA VAL A 143 0.13 -3.37 30.38
C VAL A 143 0.13 -3.52 28.86
N PRO A 144 1.29 -3.73 28.23
CA PRO A 144 1.28 -3.99 26.78
C PRO A 144 0.49 -5.23 26.42
N TYR A 145 0.69 -6.32 27.14
CA TYR A 145 -0.10 -7.54 26.97
C TYR A 145 -0.64 -8.03 28.31
N ASP A 155 -9.60 -4.80 34.19
CA ASP A 155 -10.10 -3.79 33.27
C ASP A 155 -8.97 -2.87 32.82
N PHE A 156 -7.78 -3.44 32.65
CA PHE A 156 -6.60 -2.66 32.34
C PHE A 156 -6.56 -2.27 30.86
N LEU A 157 -6.04 -1.08 30.59
CA LEU A 157 -5.73 -0.68 29.22
C LEU A 157 -4.61 -1.55 28.68
N THR A 158 -4.77 -2.01 27.43
CA THR A 158 -3.78 -2.85 26.79
C THR A 158 -3.41 -2.26 25.44
N LEU A 159 -2.41 -2.88 24.81
CA LEU A 159 -2.02 -2.48 23.46
C LEU A 159 -3.14 -2.76 22.47
N GLU A 160 -3.90 -3.82 22.69
CA GLU A 160 -5.05 -4.13 21.84
C GLU A 160 -6.04 -2.97 21.82
N HIS A 161 -6.29 -2.37 22.99
CA HIS A 161 -7.16 -1.19 23.04
C HIS A 161 -6.61 -0.07 22.17
N LEU A 162 -5.31 0.25 22.33
CA LEU A 162 -4.72 1.35 21.60
C LEU A 162 -4.82 1.15 20.10
N LEU A 163 -4.61 -0.08 19.62
CA LEU A 163 -4.77 -0.37 18.20
C LEU A 163 -6.21 -0.14 17.75
N SER A 164 -7.18 -0.58 18.57
CA SER A 164 -8.59 -0.37 18.23
C SER A 164 -8.91 1.12 18.14
N PHE A 165 -8.42 1.91 19.10
CA PHE A 165 -8.69 3.34 19.11
C PHE A 165 -8.12 4.02 17.86
N SER A 166 -6.86 3.70 17.51
CA SER A 166 -6.28 4.27 16.30
C SER A 166 -7.10 3.91 15.07
N TYR A 167 -7.62 2.68 15.04
CA TYR A 167 -8.40 2.21 13.91
C TYR A 167 -9.74 2.92 13.84
N GLN A 168 -10.41 3.06 14.99
CA GLN A 168 -11.73 3.68 15.01
C GLN A 168 -11.67 5.17 14.64
N VAL A 169 -10.63 5.87 15.10
CA VAL A 169 -10.51 7.29 14.75
C VAL A 169 -10.24 7.45 13.27
N ALA A 170 -9.40 6.57 12.70
CA ALA A 170 -9.13 6.61 11.28
C ALA A 170 -10.39 6.32 10.46
N LYS A 171 -11.24 5.42 10.95
CA LYS A 171 -12.51 5.17 10.28
C LYS A 171 -13.40 6.41 10.31
N GLY A 172 -13.50 7.06 11.46
CA GLY A 172 -14.30 8.27 11.55
C GLY A 172 -13.81 9.36 10.62
N MET A 173 -12.48 9.56 10.58
CA MET A 173 -11.91 10.61 9.74
C MET A 173 -12.02 10.26 8.27
N ALA A 174 -11.84 8.99 7.92
CA ALA A 174 -12.09 8.56 6.54
C ALA A 174 -13.51 8.90 6.12
N PHE A 175 -14.47 8.70 7.03
CA PHE A 175 -15.85 9.07 6.75
C PHE A 175 -16.00 10.56 6.53
N LEU A 176 -15.40 11.38 7.41
CA LEU A 176 -15.44 12.83 7.21
C LEU A 176 -14.84 13.21 5.87
N ALA A 177 -13.68 12.65 5.54
CA ALA A 177 -13.02 12.99 4.29
C ALA A 177 -13.88 12.59 3.09
N SER A 178 -14.59 11.46 3.18
CA SER A 178 -15.45 11.05 2.09
C SER A 178 -16.62 12.01 1.89
N LYS A 179 -16.96 12.79 2.92
CA LYS A 179 -18.01 13.80 2.82
C LYS A 179 -17.44 15.18 2.51
N ASN A 180 -16.18 15.25 2.05
CA ASN A 180 -15.52 16.52 1.73
C ASN A 180 -15.47 17.47 2.92
N CYS A 181 -15.28 16.90 4.12
CA CYS A 181 -15.25 17.67 5.36
CA CYS A 181 -15.23 17.70 5.34
C CYS A 181 -13.90 17.51 6.04
N ILE A 182 -13.39 18.59 6.61
CA ILE A 182 -12.17 18.58 7.41
C ILE A 182 -12.55 19.03 8.82
N HIS A 183 -11.91 18.43 9.82
CA HIS A 183 -12.27 18.67 11.21
C HIS A 183 -11.52 19.86 11.81
N ARG A 184 -10.20 19.93 11.58
CA ARG A 184 -9.31 21.05 11.90
C ARG A 184 -8.93 21.14 13.38
N ASP A 185 -9.42 20.26 14.25
CA ASP A 185 -8.96 20.23 15.63
C ASP A 185 -8.91 18.79 16.14
N LEU A 186 -8.34 17.90 15.32
CA LEU A 186 -8.21 16.51 15.71
C LEU A 186 -7.12 16.36 16.76
N ALA A 187 -7.46 15.74 17.89
CA ALA A 187 -6.55 15.54 19.01
C ALA A 187 -7.23 14.60 19.99
N ALA A 188 -6.43 14.03 20.90
CA ALA A 188 -6.98 13.10 21.87
C ALA A 188 -8.04 13.76 22.76
N ARG A 189 -7.88 15.06 23.05
CA ARG A 189 -8.87 15.76 23.86
C ARG A 189 -10.22 15.86 23.15
N ASN A 190 -10.25 15.74 21.82
CA ASN A 190 -11.48 15.80 21.06
C ASN A 190 -11.93 14.42 20.57
N ILE A 191 -11.44 13.36 21.21
CA ILE A 191 -11.95 12.00 21.01
C ILE A 191 -12.60 11.56 22.32
N LEU A 192 -13.88 11.19 22.25
CA LEU A 192 -14.59 10.73 23.43
C LEU A 192 -14.73 9.21 23.40
N LEU A 193 -14.85 8.62 24.58
CA LEU A 193 -15.01 7.18 24.74
C LEU A 193 -16.33 6.91 25.43
N THR A 194 -17.08 5.94 24.92
CA THR A 194 -18.34 5.56 25.53
C THR A 194 -18.42 4.05 25.69
N HIS A 195 -19.62 3.53 25.95
CA HIS A 195 -19.79 2.10 26.22
C HIS A 195 -19.28 1.26 25.06
N GLY A 196 -18.75 0.09 25.40
CA GLY A 196 -18.25 -0.82 24.39
C GLY A 196 -16.90 -0.46 23.82
N ASN A 197 -16.14 0.39 24.51
CA ASN A 197 -14.83 0.85 24.03
C ASN A 197 -14.93 1.44 22.63
N ILE A 198 -15.97 2.25 22.41
CA ILE A 198 -16.20 2.93 21.15
C ILE A 198 -15.72 4.37 21.28
N THR A 199 -14.84 4.79 20.35
CA THR A 199 -14.34 6.16 20.32
C THR A 199 -15.14 6.97 19.31
N LYS A 200 -15.44 8.21 19.65
CA LYS A 200 -16.22 9.10 18.80
C LYS A 200 -15.53 10.44 18.69
N ILE A 201 -15.39 10.94 17.46
CA ILE A 201 -14.85 12.28 17.23
C ILE A 201 -15.91 13.30 17.59
N CYS A 202 -15.51 14.35 18.32
CA CYS A 202 -16.45 15.36 18.79
C CYS A 202 -15.94 16.75 18.44
N ASP A 203 -16.75 17.76 18.80
CA ASP A 203 -16.44 19.17 18.63
C ASP A 203 -16.20 19.53 17.16
N PHE A 204 -17.28 19.78 16.42
CA PHE A 204 -17.21 20.14 15.02
C PHE A 204 -17.36 21.65 14.80
N GLY A 205 -16.97 22.45 15.79
CA GLY A 205 -17.12 23.89 15.68
C GLY A 205 -16.29 24.50 14.57
N LEU A 206 -15.11 23.91 14.29
CA LEU A 206 -14.21 24.41 13.25
C LEU A 206 -14.24 23.58 11.97
N ALA A 207 -15.09 22.55 11.91
CA ALA A 207 -15.15 21.71 10.73
C ALA A 207 -15.68 22.50 9.54
N ARG A 208 -15.18 22.15 8.36
CA ARG A 208 -15.53 22.85 7.13
C ARG A 208 -15.76 21.86 6.01
N ASP A 209 -16.78 22.10 5.20
CA ASP A 209 -16.94 21.40 3.93
C ASP A 209 -16.13 22.15 2.89
N ILE A 210 -15.06 21.52 2.39
CA ILE A 210 -14.13 22.17 1.49
C ILE A 210 -14.28 21.65 0.06
N LYS A 211 -15.46 21.14 -0.29
CA LYS A 211 -15.66 20.49 -1.58
C LYS A 211 -15.22 21.38 -2.74
N ASN A 212 -15.47 22.68 -2.64
CA ASN A 212 -15.36 23.55 -3.80
C ASN A 212 -13.91 23.89 -4.13
N ASP A 213 -13.09 24.17 -3.11
CA ASP A 213 -11.78 24.76 -3.34
C ASP A 213 -10.59 23.88 -2.94
N SER A 214 -10.82 22.63 -2.53
CA SER A 214 -9.77 21.67 -2.22
C SER A 214 -8.93 22.05 -1.00
N ASN A 215 -9.14 23.24 -0.44
CA ASN A 215 -8.56 23.58 0.85
C ASN A 215 -9.42 24.65 1.50
N TYR A 216 -8.97 25.10 2.68
CA TYR A 216 -9.64 26.14 3.45
C TYR A 216 -8.60 27.06 4.03
N VAL A 217 -8.79 28.37 3.87
CA VAL A 217 -7.89 29.38 4.42
C VAL A 217 -8.63 30.09 5.55
N ASP A 218 -8.06 30.02 6.75
CA ASP A 218 -8.68 30.63 7.92
C ASP A 218 -8.53 32.15 7.89
N ASN A 221 -8.72 34.92 13.91
CA ASN A 221 -7.48 34.98 14.68
C ASN A 221 -7.69 34.46 16.10
N ALA A 222 -8.33 33.30 16.21
CA ALA A 222 -8.55 32.67 17.50
C ALA A 222 -7.28 31.96 17.97
N ARG A 223 -7.32 31.47 19.20
CA ARG A 223 -6.23 30.65 19.69
C ARG A 223 -6.26 29.30 19.00
N LEU A 224 -5.09 28.83 18.57
CA LEU A 224 -4.99 27.67 17.70
C LEU A 224 -4.17 26.57 18.37
N PRO A 225 -4.46 25.30 18.06
CA PRO A 225 -3.72 24.17 18.67
C PRO A 225 -2.41 23.90 17.94
N VAL A 226 -1.43 24.77 18.20
CA VAL A 226 -0.22 24.86 17.38
C VAL A 226 0.49 23.51 17.30
N LYS A 227 0.62 22.81 18.42
CA LYS A 227 1.39 21.57 18.43
C LYS A 227 0.70 20.43 17.70
N TRP A 228 -0.54 20.59 17.25
CA TRP A 228 -1.24 19.59 16.45
C TRP A 228 -1.34 19.99 14.99
N MET A 229 -0.84 21.16 14.61
CA MET A 229 -1.08 21.74 13.31
C MET A 229 0.05 21.41 12.32
N ALA A 230 -0.34 21.16 11.08
CA ALA A 230 0.63 20.99 10.01
C ALA A 230 1.36 22.30 9.76
N PRO A 231 2.59 22.25 9.24
CA PRO A 231 3.36 23.49 9.04
C PRO A 231 2.68 24.45 8.09
N GLU A 232 1.98 23.94 7.06
CA GLU A 232 1.31 24.83 6.14
C GLU A 232 0.14 25.55 6.82
N SER A 233 -0.46 24.94 7.84
CA SER A 233 -1.51 25.61 8.58
C SER A 233 -0.95 26.72 9.47
N ILE A 234 0.19 26.46 10.11
CA ILE A 234 0.82 27.48 10.95
C ILE A 234 1.29 28.65 10.10
N PHE A 235 2.01 28.36 9.02
CA PHE A 235 2.74 29.40 8.30
C PHE A 235 1.87 30.13 7.29
N ASN A 236 0.84 29.48 6.74
CA ASN A 236 0.03 30.09 5.70
C ASN A 236 -1.47 29.92 5.94
N SER A 237 -1.88 29.43 7.11
CA SER A 237 -3.30 29.35 7.48
C SER A 237 -4.10 28.55 6.45
N VAL A 238 -3.52 27.48 5.94
CA VAL A 238 -4.13 26.60 4.96
CA VAL A 238 -4.19 26.63 4.97
C VAL A 238 -4.55 25.31 5.65
N TYR A 239 -5.78 24.86 5.42
CA TYR A 239 -6.29 23.63 6.00
C TYR A 239 -6.83 22.74 4.89
N THR A 240 -6.47 21.47 4.91
CA THR A 240 -6.79 20.52 3.86
C THR A 240 -7.11 19.17 4.47
N PHE A 241 -7.49 18.21 3.62
CA PHE A 241 -7.51 16.81 4.03
C PHE A 241 -6.15 16.40 4.60
N GLU A 242 -5.07 16.90 3.98
CA GLU A 242 -3.73 16.48 4.37
C GLU A 242 -3.33 17.05 5.72
N SER A 243 -3.83 18.24 6.08
CA SER A 243 -3.49 18.80 7.38
C SER A 243 -4.26 18.08 8.49
N ASP A 244 -5.46 17.58 8.19
CA ASP A 244 -6.13 16.69 9.13
C ASP A 244 -5.31 15.43 9.38
N VAL A 245 -4.64 14.93 8.34
CA VAL A 245 -3.83 13.72 8.49
C VAL A 245 -2.61 13.98 9.36
N TRP A 246 -1.99 15.16 9.22
CA TRP A 246 -0.93 15.55 10.13
C TRP A 246 -1.38 15.47 11.58
N SER A 247 -2.53 16.08 11.89
CA SER A 247 -3.04 16.08 13.25
C SER A 247 -3.30 14.67 13.74
N TYR A 248 -3.77 13.78 12.86
CA TYR A 248 -3.96 12.39 13.24
C TYR A 248 -2.66 11.74 13.67
N GLY A 249 -1.57 12.04 12.96
CA GLY A 249 -0.26 11.57 13.40
C GLY A 249 0.07 12.00 14.82
N ILE A 250 -0.20 13.27 15.14
CA ILE A 250 0.03 13.74 16.51
C ILE A 250 -0.86 12.99 17.48
N PHE A 251 -2.11 12.74 17.10
CA PHE A 251 -3.01 11.96 17.95
C PHE A 251 -2.43 10.57 18.23
N LEU A 252 -1.90 9.90 17.20
CA LEU A 252 -1.27 8.60 17.41
C LEU A 252 -0.15 8.69 18.43
N TRP A 253 0.67 9.74 18.35
CA TRP A 253 1.74 9.90 19.33
C TRP A 253 1.17 10.08 20.74
N GLU A 254 0.13 10.91 20.88
CA GLU A 254 -0.58 11.01 22.16
C GLU A 254 -1.04 9.66 22.64
N LEU A 255 -1.63 8.86 21.74
CA LEU A 255 -2.25 7.60 22.13
C LEU A 255 -1.21 6.63 22.68
N PHE A 256 -0.13 6.41 21.93
CA PHE A 256 0.83 5.39 22.30
C PHE A 256 1.85 5.86 23.34
N SER A 257 1.88 7.15 23.65
CA SER A 257 2.60 7.63 24.82
C SER A 257 1.71 7.68 26.06
N LEU A 258 0.49 7.13 25.97
CA LEU A 258 -0.45 7.07 27.08
C LEU A 258 -0.78 8.46 27.61
N GLY A 259 -1.07 9.38 26.69
CA GLY A 259 -1.60 10.67 27.05
C GLY A 259 -0.59 11.74 27.37
N SER A 260 0.65 11.59 26.91
CA SER A 260 1.66 12.62 27.13
CA SER A 260 1.65 12.62 27.13
C SER A 260 1.42 13.81 26.21
N SER A 261 1.84 14.99 26.67
CA SER A 261 1.75 16.17 25.85
C SER A 261 2.78 16.08 24.72
N PRO A 262 2.44 16.48 23.50
CA PRO A 262 3.38 16.38 22.39
C PRO A 262 4.51 17.40 22.52
N TYR A 263 5.62 17.09 21.87
CA TYR A 263 6.86 17.86 21.97
C TYR A 263 7.16 18.21 23.44
N PRO A 264 7.34 17.20 24.29
CA PRO A 264 7.48 17.47 25.73
C PRO A 264 8.70 18.33 26.00
N GLY A 265 8.53 19.30 26.90
CA GLY A 265 9.60 20.22 27.24
C GLY A 265 9.96 21.22 26.17
N MET A 266 9.15 21.34 25.11
CA MET A 266 9.36 22.35 24.08
C MET A 266 8.20 23.34 24.10
N PRO A 267 8.42 24.59 24.48
CA PRO A 267 7.34 25.57 24.41
C PRO A 267 7.12 26.02 22.97
N VAL A 268 5.92 26.54 22.73
CA VAL A 268 5.61 27.18 21.44
C VAL A 268 6.27 28.54 21.44
N ASP A 269 7.36 28.67 20.66
CA ASP A 269 8.07 29.93 20.53
C ASP A 269 8.79 29.91 19.18
N SER A 270 9.71 30.85 18.98
CA SER A 270 10.44 30.92 17.72
C SER A 270 11.19 29.62 17.44
N LYS A 271 11.81 29.04 18.49
CA LYS A 271 12.60 27.82 18.29
C LYS A 271 11.72 26.66 17.86
N PHE A 272 10.49 26.57 18.38
CA PHE A 272 9.60 25.49 17.98
C PHE A 272 9.29 25.56 16.50
N TYR A 273 8.87 26.73 16.01
CA TYR A 273 8.52 26.88 14.60
C TYR A 273 9.72 26.58 13.71
N LYS A 274 10.90 27.02 14.10
CA LYS A 274 12.10 26.79 13.30
C LYS A 274 12.42 25.30 13.20
N MET A 275 12.32 24.58 14.32
CA MET A 275 12.63 23.15 14.30
C MET A 275 11.61 22.39 13.46
N ILE A 276 10.32 22.71 13.59
CA ILE A 276 9.30 22.06 12.77
C ILE A 276 9.57 22.32 11.29
N LYS A 277 9.87 23.57 10.94
CA LYS A 277 10.12 23.91 9.55
C LYS A 277 11.33 23.15 9.01
N GLU A 278 12.37 22.99 9.83
CA GLU A 278 13.59 22.32 9.42
C GLU A 278 13.50 20.80 9.50
N GLY A 279 12.34 20.24 9.86
CA GLY A 279 12.13 18.82 9.77
C GLY A 279 12.20 18.04 11.07
N PHE A 280 12.32 18.71 12.21
CA PHE A 280 12.32 18.00 13.48
C PHE A 280 10.97 17.33 13.69
N ARG A 281 11.01 16.08 14.13
CA ARG A 281 9.81 15.30 14.44
C ARG A 281 10.01 14.57 15.75
N MET A 282 8.91 14.29 16.44
CA MET A 282 8.96 13.46 17.64
C MET A 282 9.43 12.05 17.28
N SER A 283 10.11 11.42 18.23
CA SER A 283 10.52 10.04 18.05
C SER A 283 9.41 9.09 18.51
N SER A 284 9.63 7.80 18.29
CA SER A 284 8.58 6.82 18.57
C SER A 284 8.30 6.75 20.06
N PRO A 285 7.03 6.82 20.48
CA PRO A 285 6.71 6.60 21.89
C PRO A 285 6.99 5.16 22.29
N GLU A 286 7.13 4.96 23.60
CA GLU A 286 7.62 3.69 24.14
C GLU A 286 6.78 2.51 23.66
N TYR A 287 5.45 2.65 23.69
CA TYR A 287 4.55 1.54 23.43
C TYR A 287 4.04 1.52 21.99
N ALA A 288 4.53 2.39 21.13
CA ALA A 288 4.07 2.39 19.74
C ALA A 288 4.70 1.23 18.97
N PRO A 289 3.91 0.41 18.29
CA PRO A 289 4.50 -0.56 17.36
C PRO A 289 5.20 0.17 16.22
N ALA A 290 6.20 -0.52 15.64
CA ALA A 290 6.99 0.08 14.57
C ALA A 290 6.12 0.50 13.39
N GLU A 291 5.11 -0.31 13.06
CA GLU A 291 4.24 0.00 11.94
C GLU A 291 3.38 1.22 12.24
N MET A 292 3.08 1.46 13.52
CA MET A 292 2.29 2.63 13.88
C MET A 292 3.13 3.90 13.87
N TYR A 293 4.39 3.82 14.32
CA TYR A 293 5.26 4.98 14.18
C TYR A 293 5.58 5.25 12.72
N ASP A 294 5.63 4.20 11.89
CA ASP A 294 5.75 4.41 10.44
C ASP A 294 4.63 5.28 9.91
N ILE A 295 3.39 5.03 10.36
CA ILE A 295 2.27 5.87 9.94
C ILE A 295 2.46 7.30 10.42
N MET A 296 2.87 7.47 11.68
CA MET A 296 3.12 8.81 12.22
C MET A 296 4.09 9.59 11.34
N LYS A 297 5.19 8.96 10.95
CA LYS A 297 6.21 9.66 10.16
C LYS A 297 5.65 10.10 8.81
N THR A 298 4.85 9.25 8.16
CA THR A 298 4.27 9.65 6.89
C THR A 298 3.23 10.73 7.07
N CYS A 299 2.47 10.68 8.18
CA CYS A 299 1.53 11.76 8.48
C CYS A 299 2.24 13.10 8.67
N TRP A 300 3.51 13.08 9.07
CA TRP A 300 4.26 14.29 9.37
C TRP A 300 5.18 14.70 8.24
N ASP A 301 4.95 14.22 7.02
CA ASP A 301 5.79 14.63 5.91
C ASP A 301 5.58 16.12 5.63
N ALA A 302 6.69 16.82 5.39
CA ALA A 302 6.60 18.24 5.07
C ALA A 302 5.83 18.46 3.77
N ASP A 303 5.94 17.53 2.83
CA ASP A 303 5.18 17.59 1.59
C ASP A 303 3.81 16.99 1.84
N PRO A 304 2.74 17.80 1.78
CA PRO A 304 1.39 17.26 2.00
C PRO A 304 1.03 16.13 1.05
N ASP A 305 1.53 16.16 -0.19
CA ASP A 305 1.18 15.12 -1.16
C ASP A 305 1.68 13.76 -0.73
N LYS A 306 2.77 13.71 0.03
CA LYS A 306 3.35 12.44 0.44
C LYS A 306 2.68 11.84 1.66
N ARG A 307 1.82 12.59 2.34
CA ARG A 307 1.09 12.04 3.46
C ARG A 307 0.05 11.04 2.98
N PRO A 308 -0.26 10.02 3.77
CA PRO A 308 -1.31 9.08 3.37
C PRO A 308 -2.69 9.68 3.53
N THR A 309 -3.66 9.03 2.92
CA THR A 309 -5.06 9.35 3.16
C THR A 309 -5.56 8.53 4.35
N PHE A 310 -6.67 8.98 4.93
CA PHE A 310 -7.30 8.19 5.99
C PHE A 310 -7.78 6.84 5.46
N LYS A 311 -8.23 6.79 4.20
CA LYS A 311 -8.60 5.51 3.60
C LYS A 311 -7.42 4.55 3.60
N GLN A 312 -6.23 5.05 3.27
CA GLN A 312 -5.03 4.22 3.27
C GLN A 312 -4.64 3.83 4.70
N ILE A 313 -4.83 4.74 5.66
CA ILE A 313 -4.47 4.45 7.04
C ILE A 313 -5.35 3.34 7.60
N VAL A 314 -6.64 3.37 7.28
CA VAL A 314 -7.56 2.33 7.77
C VAL A 314 -7.11 0.96 7.31
N GLN A 315 -6.76 0.82 6.03
CA GLN A 315 -6.35 -0.48 5.51
C GLN A 315 -5.05 -0.94 6.14
N ASP A 316 -4.12 -0.01 6.37
CA ASP A 316 -2.88 -0.34 7.06
C ASP A 316 -3.17 -0.89 8.45
N ILE A 317 -3.95 -0.15 9.24
CA ILE A 317 -4.23 -0.58 10.61
C ILE A 317 -5.07 -1.86 10.62
N GLU A 318 -5.94 -2.05 9.62
CA GLU A 318 -6.64 -3.31 9.46
C GLU A 318 -5.66 -4.48 9.42
N LYS A 319 -4.68 -4.40 8.54
CA LYS A 319 -3.70 -5.49 8.40
C LYS A 319 -2.94 -5.71 9.70
N GLN A 320 -2.57 -4.63 10.39
CA GLN A 320 -1.88 -4.78 11.67
C GLN A 320 -2.75 -5.52 12.68
N ILE A 321 -4.04 -5.18 12.75
CA ILE A 321 -4.94 -5.85 13.68
C ILE A 321 -5.10 -7.31 13.30
N SER A 322 -5.19 -7.60 12.00
CA SER A 322 -5.44 -8.96 11.54
C SER A 322 -4.32 -9.92 11.95
N GLU A 323 -3.13 -9.41 12.22
CA GLU A 323 -2.00 -10.23 12.65
C GLU A 323 -1.74 -10.07 14.15
N SER A 324 -2.80 -9.85 14.94
CA SER A 324 -2.73 -9.67 16.38
C SER A 324 -1.82 -8.50 16.75
N ASN B 19 33.03 -0.94 7.87
CA ASN B 19 34.08 -1.06 6.87
C ASN B 19 34.49 -2.51 6.65
N ASN B 20 34.37 -3.33 7.70
CA ASN B 20 34.88 -4.69 7.69
C ASN B 20 33.82 -5.74 7.34
N TYR B 21 32.55 -5.35 7.23
CA TYR B 21 31.49 -6.24 6.79
C TYR B 21 30.97 -5.77 5.44
N SER B 22 30.74 -6.71 4.52
CA SER B 22 30.25 -6.35 3.20
C SER B 22 29.37 -7.46 2.65
N TYR B 23 28.52 -7.08 1.70
CA TYR B 23 27.75 -8.06 0.94
C TYR B 23 28.66 -8.79 -0.03
N ILE B 24 28.60 -10.11 -0.04
CA ILE B 24 29.41 -10.91 -0.95
C ILE B 24 28.77 -10.88 -2.33
N ASP B 25 29.46 -10.28 -3.29
CA ASP B 25 29.01 -10.15 -4.67
C ASP B 25 29.20 -11.47 -5.39
N PRO B 26 28.12 -12.15 -5.79
CA PRO B 26 28.28 -13.47 -6.44
C PRO B 26 29.09 -13.40 -7.72
N THR B 27 29.04 -12.29 -8.45
CA THR B 27 29.77 -12.16 -9.71
C THR B 27 31.25 -11.86 -9.51
N GLN B 28 31.69 -11.58 -8.28
CA GLN B 28 33.10 -11.43 -7.97
C GLN B 28 33.74 -12.73 -7.50
N LEU B 29 32.94 -13.73 -7.14
CA LEU B 29 33.49 -14.99 -6.68
C LEU B 29 34.13 -15.76 -7.84
N PRO B 30 35.13 -16.59 -7.57
CA PRO B 30 35.71 -17.39 -8.64
C PRO B 30 34.73 -18.42 -9.15
N TYR B 31 34.94 -18.84 -10.40
CA TYR B 31 34.13 -19.91 -10.97
C TYR B 31 34.44 -21.22 -10.25
N ASP B 32 33.39 -21.89 -9.78
CA ASP B 32 33.55 -23.13 -9.04
C ASP B 32 33.62 -24.29 -10.02
N HIS B 33 34.75 -24.99 -10.03
CA HIS B 33 34.98 -26.05 -11.00
C HIS B 33 34.16 -27.31 -10.72
N LYS B 34 33.39 -27.35 -9.64
CA LYS B 34 32.45 -28.46 -9.46
C LYS B 34 31.44 -28.52 -10.58
N TRP B 35 31.23 -27.41 -11.31
CA TRP B 35 30.32 -27.37 -12.43
C TRP B 35 30.95 -27.88 -13.73
N GLU B 36 32.27 -28.01 -13.77
CA GLU B 36 32.96 -28.24 -15.03
C GLU B 36 32.56 -29.58 -15.65
N PHE B 37 32.27 -29.54 -16.95
CA PHE B 37 31.88 -30.69 -17.75
C PHE B 37 32.69 -30.72 -19.03
N PRO B 38 33.14 -31.90 -19.48
CA PRO B 38 34.01 -31.95 -20.66
C PRO B 38 33.25 -31.57 -21.93
N ARG B 39 33.82 -30.60 -22.65
CA ARG B 39 33.29 -30.18 -23.95
C ARG B 39 32.99 -31.36 -24.87
N ASN B 40 33.87 -32.37 -24.86
CA ASN B 40 33.79 -33.45 -25.85
C ASN B 40 32.69 -34.45 -25.56
N ARG B 41 32.02 -34.37 -24.40
CA ARG B 41 30.88 -35.21 -24.10
C ARG B 41 29.56 -34.48 -24.35
N LEU B 42 29.59 -33.31 -24.99
CA LEU B 42 28.41 -32.54 -25.34
C LEU B 42 28.23 -32.58 -26.85
N SER B 43 27.06 -33.03 -27.29
CA SER B 43 26.73 -33.12 -28.70
CA SER B 43 26.73 -33.11 -28.71
C SER B 43 25.52 -32.23 -28.99
N PHE B 44 25.72 -31.21 -29.81
CA PHE B 44 24.69 -30.21 -30.06
C PHE B 44 23.60 -30.74 -31.00
N GLY B 45 22.37 -30.32 -30.74
CA GLY B 45 21.26 -30.62 -31.61
C GLY B 45 20.59 -29.38 -32.17
N LYS B 46 19.28 -29.23 -31.96
CA LYS B 46 18.52 -28.14 -32.54
C LYS B 46 18.77 -26.83 -31.79
N THR B 47 18.75 -25.73 -32.54
CA THR B 47 18.81 -24.41 -31.92
C THR B 47 17.45 -24.08 -31.30
N LEU B 48 17.47 -23.70 -30.02
CA LEU B 48 16.26 -23.36 -29.29
C LEU B 48 15.98 -21.87 -29.28
N GLY B 49 17.02 -21.06 -29.29
CA GLY B 49 16.89 -19.62 -29.37
C GLY B 49 18.14 -19.02 -29.97
N ALA B 50 17.99 -17.98 -30.78
CA ALA B 50 19.13 -17.32 -31.40
C ALA B 50 18.86 -15.82 -31.43
N GLY B 51 19.93 -15.05 -31.46
CA GLY B 51 19.77 -13.61 -31.46
C GLY B 51 21.09 -12.91 -31.71
N ALA B 52 21.13 -11.64 -31.30
CA ALA B 52 22.30 -10.80 -31.57
C ALA B 52 23.55 -11.36 -30.92
N PHE B 53 23.45 -11.84 -29.68
CA PHE B 53 24.62 -12.22 -28.92
C PHE B 53 25.10 -13.63 -29.25
N GLY B 54 24.18 -14.57 -29.42
CA GLY B 54 24.54 -15.96 -29.63
C GLY B 54 23.33 -16.84 -29.77
N LYS B 55 23.37 -18.02 -29.14
CA LYS B 55 22.29 -18.98 -29.30
C LYS B 55 22.22 -19.91 -28.10
N VAL B 56 21.06 -20.51 -27.92
CA VAL B 56 20.86 -21.62 -27.00
C VAL B 56 20.46 -22.83 -27.83
N VAL B 57 21.13 -23.96 -27.61
CA VAL B 57 20.84 -25.17 -28.38
C VAL B 57 20.46 -26.28 -27.41
N GLU B 58 19.62 -27.19 -27.91
CA GLU B 58 19.42 -28.48 -27.26
C GLU B 58 20.66 -29.33 -27.50
N ALA B 59 21.03 -30.12 -26.51
CA ALA B 59 22.23 -30.93 -26.64
C ALA B 59 22.09 -32.19 -25.78
N THR B 60 22.94 -33.16 -26.09
CA THR B 60 23.07 -34.38 -25.30
C THR B 60 24.37 -34.30 -24.50
N ALA B 61 24.27 -34.54 -23.20
CA ALA B 61 25.43 -34.57 -22.31
C ALA B 61 25.61 -36.01 -21.83
N GLN B 62 26.74 -36.60 -22.16
CA GLN B 62 27.01 -37.99 -21.83
C GLN B 62 27.69 -38.08 -20.47
N GLY B 63 27.05 -38.75 -19.53
CA GLY B 63 27.63 -38.93 -18.21
C GLY B 63 27.46 -37.76 -17.28
N LEU B 64 26.56 -36.83 -17.60
CA LEU B 64 26.33 -35.69 -16.69
C LEU B 64 25.68 -36.15 -15.40
N ILE B 65 24.65 -37.01 -15.50
CA ILE B 65 23.96 -37.54 -14.33
C ILE B 65 24.59 -38.87 -13.94
N LYS B 66 24.52 -39.84 -14.86
CA LYS B 66 25.14 -41.15 -14.64
C LYS B 66 25.90 -41.53 -15.90
N SER B 67 27.06 -42.17 -15.71
CA SER B 67 27.94 -42.47 -16.82
C SER B 67 27.26 -43.30 -17.89
N ASP B 68 26.19 -44.01 -17.53
CA ASP B 68 25.60 -44.98 -18.45
C ASP B 68 24.71 -44.33 -19.50
N ALA B 69 23.92 -43.34 -19.12
CA ALA B 69 22.89 -42.80 -19.99
C ALA B 69 23.13 -41.31 -20.28
N ALA B 70 22.34 -40.80 -21.22
CA ALA B 70 22.54 -39.47 -21.79
C ALA B 70 21.33 -38.59 -21.52
N MET B 71 21.59 -37.41 -20.94
CA MET B 71 20.54 -36.46 -20.60
C MET B 71 20.42 -35.38 -21.66
N THR B 72 19.19 -34.98 -21.96
CA THR B 72 18.97 -33.83 -22.82
C THR B 72 19.04 -32.55 -21.99
N VAL B 73 19.85 -31.60 -22.45
CA VAL B 73 20.09 -30.35 -21.74
C VAL B 73 20.02 -29.20 -22.74
N ALA B 74 20.06 -27.99 -22.20
CA ALA B 74 20.18 -26.77 -23.00
C ALA B 74 21.55 -26.17 -22.76
N VAL B 75 22.17 -25.64 -23.81
CA VAL B 75 23.51 -25.08 -23.75
C VAL B 75 23.48 -23.67 -24.31
N LYS B 76 23.92 -22.71 -23.50
CA LYS B 76 23.97 -21.30 -23.88
C LYS B 76 25.40 -20.92 -24.23
N MET B 77 25.55 -20.20 -25.34
CA MET B 77 26.88 -19.87 -25.85
C MET B 77 26.80 -18.61 -26.70
N LEU B 78 27.92 -17.90 -26.78
CA LEU B 78 28.01 -16.69 -27.57
C LEU B 78 28.50 -16.99 -28.98
N LYS B 79 28.16 -16.10 -29.91
CA LYS B 79 28.69 -16.20 -31.26
C LYS B 79 30.20 -15.95 -31.24
N PRO B 80 30.93 -16.50 -32.21
CA PRO B 80 32.39 -16.28 -32.23
C PRO B 80 32.78 -14.82 -32.26
N SER B 81 31.95 -13.96 -32.84
CA SER B 81 32.26 -12.54 -32.99
C SER B 81 32.04 -11.74 -31.71
N ALA B 82 31.65 -12.39 -30.60
CA ALA B 82 31.21 -11.66 -29.42
C ALA B 82 32.34 -10.83 -28.82
N HIS B 83 31.99 -9.63 -28.38
CA HIS B 83 32.92 -8.74 -27.69
C HIS B 83 33.15 -9.22 -26.26
N SER B 84 34.29 -8.83 -25.68
CA SER B 84 34.66 -9.29 -24.35
C SER B 84 33.63 -8.90 -23.30
N THR B 85 32.94 -7.77 -23.50
CA THR B 85 31.89 -7.38 -22.56
C THR B 85 30.78 -8.42 -22.53
N GLU B 86 30.40 -8.96 -23.70
CA GLU B 86 29.38 -9.99 -23.74
C GLU B 86 29.87 -11.27 -23.08
N ARG B 87 31.15 -11.60 -23.22
CA ARG B 87 31.70 -12.79 -22.60
C ARG B 87 31.73 -12.65 -21.08
N GLU B 88 32.09 -11.46 -20.58
CA GLU B 88 32.00 -11.21 -19.15
C GLU B 88 30.57 -11.38 -18.65
N ALA B 89 29.59 -10.93 -19.45
CA ALA B 89 28.20 -10.98 -19.02
C ALA B 89 27.71 -12.43 -18.93
N LEU B 90 28.15 -13.28 -19.86
CA LEU B 90 27.79 -14.69 -19.79
C LEU B 90 28.39 -15.35 -18.56
N MET B 91 29.68 -15.09 -18.28
CA MET B 91 30.31 -15.62 -17.08
C MET B 91 29.61 -15.10 -15.82
N SER B 92 29.21 -13.83 -15.82
CA SER B 92 28.49 -13.28 -14.68
CA SER B 92 28.49 -13.28 -14.68
C SER B 92 27.17 -14.00 -14.45
N GLU B 93 26.44 -14.30 -15.53
CA GLU B 93 25.19 -15.04 -15.39
C GLU B 93 25.44 -16.45 -14.84
N LEU B 94 26.53 -17.08 -15.27
CA LEU B 94 26.88 -18.38 -14.73
C LEU B 94 27.12 -18.32 -13.22
N LYS B 95 27.83 -17.28 -12.77
CA LYS B 95 28.11 -17.16 -11.34
C LYS B 95 26.85 -16.86 -10.54
N VAL B 96 25.95 -16.05 -11.09
CA VAL B 96 24.66 -15.80 -10.44
C VAL B 96 23.87 -17.09 -10.31
N LEU B 97 23.79 -17.87 -11.39
CA LEU B 97 23.09 -19.15 -11.34
C LEU B 97 23.77 -20.11 -10.37
N SER B 98 25.10 -20.09 -10.32
CA SER B 98 25.82 -20.94 -9.38
CA SER B 98 25.82 -20.95 -9.39
C SER B 98 25.48 -20.59 -7.94
N TYR B 99 25.34 -19.29 -7.65
CA TYR B 99 25.12 -18.85 -6.28
C TYR B 99 23.66 -18.96 -5.86
N LEU B 100 22.73 -18.90 -6.83
CA LEU B 100 21.31 -18.97 -6.51
C LEU B 100 20.96 -20.28 -5.81
N GLY B 101 21.48 -21.39 -6.31
CA GLY B 101 21.04 -22.68 -5.85
C GLY B 101 19.84 -23.18 -6.63
N ASN B 102 19.36 -24.34 -6.21
CA ASN B 102 18.34 -25.09 -6.95
C ASN B 102 16.93 -24.66 -6.54
N HIS B 103 16.02 -24.64 -7.52
CA HIS B 103 14.62 -24.43 -7.22
C HIS B 103 13.77 -25.01 -8.34
N GLU B 104 12.59 -25.52 -7.95
CA GLU B 104 11.74 -26.23 -8.89
C GLU B 104 11.25 -25.35 -10.03
N ASN B 105 11.03 -24.07 -9.77
CA ASN B 105 10.41 -23.18 -10.74
C ASN B 105 11.39 -22.24 -11.43
N ILE B 106 12.68 -22.58 -11.42
CA ILE B 106 13.66 -21.89 -12.26
C ILE B 106 14.35 -22.93 -13.13
N VAL B 107 14.86 -22.51 -14.28
CA VAL B 107 15.64 -23.38 -15.14
C VAL B 107 17.02 -23.50 -14.51
N ASN B 108 17.31 -24.67 -13.94
CA ASN B 108 18.44 -24.80 -13.04
C ASN B 108 19.75 -25.05 -13.79
N LEU B 109 20.83 -24.54 -13.22
CA LEU B 109 22.16 -24.76 -13.77
C LEU B 109 22.58 -26.21 -13.55
N LEU B 110 23.10 -26.85 -14.60
CA LEU B 110 23.58 -28.21 -14.51
C LEU B 110 25.09 -28.35 -14.62
N GLY B 111 25.75 -27.43 -15.31
CA GLY B 111 27.18 -27.50 -15.46
C GLY B 111 27.67 -26.43 -16.42
N ALA B 112 28.96 -26.51 -16.74
CA ALA B 112 29.56 -25.50 -17.60
C ALA B 112 30.83 -26.05 -18.21
N CYS B 113 31.17 -25.50 -19.37
CA CYS B 113 32.45 -25.75 -20.03
C CYS B 113 33.22 -24.44 -20.08
N THR B 114 34.39 -24.41 -19.44
CA THR B 114 35.24 -23.23 -19.48
C THR B 114 36.66 -23.52 -19.97
N HIS B 115 37.12 -24.77 -19.88
CA HIS B 115 38.52 -25.07 -20.14
C HIS B 115 38.87 -24.94 -21.62
N GLY B 116 38.25 -25.77 -22.46
CA GLY B 116 38.71 -25.94 -23.84
C GLY B 116 38.46 -24.77 -24.77
N GLY B 117 37.87 -23.68 -24.29
CA GLY B 117 37.55 -22.56 -25.14
C GLY B 117 36.49 -21.66 -24.54
N PRO B 118 35.53 -21.24 -25.36
CA PRO B 118 34.52 -20.28 -24.88
C PRO B 118 33.58 -20.91 -23.86
N THR B 119 32.97 -20.05 -23.07
CA THR B 119 32.10 -20.48 -21.98
C THR B 119 30.81 -21.09 -22.53
N LEU B 120 30.50 -22.30 -22.11
CA LEU B 120 29.21 -22.93 -22.36
C LEU B 120 28.49 -23.10 -21.02
N VAL B 121 27.22 -22.69 -20.97
CA VAL B 121 26.42 -22.79 -19.77
C VAL B 121 25.36 -23.85 -20.00
N ILE B 122 25.40 -24.92 -19.20
CA ILE B 122 24.51 -26.07 -19.35
C ILE B 122 23.39 -25.96 -18.32
N THR B 123 22.15 -25.92 -18.79
CA THR B 123 20.99 -25.85 -17.91
C THR B 123 20.02 -26.97 -18.24
N GLU B 124 18.97 -27.08 -17.43
CA GLU B 124 17.90 -28.03 -17.70
C GLU B 124 17.22 -27.70 -19.01
N TYR B 125 16.74 -28.74 -19.68
CA TYR B 125 15.95 -28.61 -20.90
C TYR B 125 14.47 -28.78 -20.57
N CYS B 126 13.65 -27.86 -21.06
CA CYS B 126 12.20 -27.89 -20.82
C CYS B 126 11.50 -28.25 -22.14
N CYS B 127 10.82 -29.40 -22.15
CA CYS B 127 10.46 -30.03 -23.42
C CYS B 127 9.40 -29.25 -24.19
N TYR B 128 8.52 -28.52 -23.51
CA TYR B 128 7.40 -27.88 -24.20
C TYR B 128 7.70 -26.44 -24.64
N GLY B 129 8.89 -25.93 -24.38
CA GLY B 129 9.23 -24.60 -24.84
C GLY B 129 8.64 -23.50 -23.97
N ASP B 130 8.60 -22.30 -24.53
CA ASP B 130 8.19 -21.14 -23.77
C ASP B 130 6.68 -21.06 -23.65
N LEU B 131 6.23 -20.47 -22.54
CA LEU B 131 4.81 -20.42 -22.23
C LEU B 131 4.03 -19.56 -23.21
N LEU B 132 4.66 -18.50 -23.74
CA LEU B 132 3.94 -17.61 -24.64
C LEU B 132 3.46 -18.32 -25.89
N ASN B 133 4.36 -19.09 -26.53
CA ASN B 133 3.96 -19.83 -27.72
C ASN B 133 3.03 -20.98 -27.38
N PHE B 134 3.23 -21.60 -26.21
CA PHE B 134 2.33 -22.66 -25.74
C PHE B 134 0.90 -22.12 -25.59
N LEU B 135 0.75 -20.98 -24.92
CA LEU B 135 -0.56 -20.36 -24.78
C LEU B 135 -1.17 -20.05 -26.14
N ARG B 136 -0.36 -19.59 -27.10
CA ARG B 136 -0.89 -19.22 -28.40
C ARG B 136 -1.32 -20.46 -29.19
N ARG B 137 -0.63 -21.59 -29.02
CA ARG B 137 -1.12 -22.74 -29.77
CA ARG B 137 -1.00 -22.85 -29.66
C ARG B 137 -2.26 -23.44 -29.06
N LYS B 138 -2.40 -23.31 -27.73
CA LYS B 138 -3.52 -23.89 -27.00
C LYS B 138 -4.74 -22.99 -26.98
N ARG B 139 -4.64 -21.80 -27.57
CA ARG B 139 -5.70 -20.81 -27.43
C ARG B 139 -7.02 -21.29 -28.02
N ASP B 140 -6.96 -21.94 -29.19
CA ASP B 140 -8.18 -22.37 -29.87
C ASP B 140 -8.93 -23.43 -29.07
N GLU B 141 -8.21 -24.29 -28.34
CA GLU B 141 -8.82 -25.41 -27.63
C GLU B 141 -9.07 -25.12 -26.15
N PHE B 142 -8.80 -23.90 -25.69
CA PHE B 142 -8.94 -23.56 -24.28
C PHE B 142 -10.40 -23.64 -23.85
N VAL B 143 -10.64 -24.29 -22.72
CA VAL B 143 -11.96 -24.25 -22.08
C VAL B 143 -11.76 -23.85 -20.62
N PRO B 144 -12.47 -22.85 -20.12
CA PRO B 144 -12.26 -22.44 -18.72
C PRO B 144 -12.45 -23.57 -17.72
N TYR B 145 -13.51 -24.36 -17.88
CA TYR B 145 -13.80 -25.47 -16.99
C TYR B 145 -14.04 -26.73 -17.80
N LYS B 146 -13.55 -27.85 -17.29
CA LYS B 146 -13.73 -29.14 -17.94
C LYS B 146 -14.63 -30.06 -17.09
N ASP B 155 -6.66 -33.57 -24.03
CA ASP B 155 -5.81 -32.73 -23.19
C ASP B 155 -5.94 -31.26 -23.59
N PHE B 156 -6.78 -30.53 -22.85
CA PHE B 156 -7.05 -29.13 -23.14
C PHE B 156 -6.62 -28.24 -21.98
N LEU B 157 -6.36 -26.99 -22.30
CA LEU B 157 -5.95 -26.00 -21.31
C LEU B 157 -7.19 -25.42 -20.62
N THR B 158 -7.12 -25.29 -19.29
CA THR B 158 -8.24 -24.83 -18.49
C THR B 158 -7.80 -23.69 -17.56
N LEU B 159 -8.79 -23.11 -16.87
CA LEU B 159 -8.50 -22.08 -15.88
C LEU B 159 -7.62 -22.62 -14.76
N GLU B 160 -7.85 -23.85 -14.34
CA GLU B 160 -7.04 -24.45 -13.28
C GLU B 160 -5.56 -24.43 -13.65
N HIS B 161 -5.24 -24.69 -14.92
CA HIS B 161 -3.86 -24.63 -15.37
C HIS B 161 -3.31 -23.21 -15.27
N LEU B 162 -4.06 -22.24 -15.79
CA LEU B 162 -3.60 -20.85 -15.75
C LEU B 162 -3.34 -20.41 -14.32
N LEU B 163 -4.21 -20.81 -13.39
CA LEU B 163 -3.97 -20.51 -11.97
C LEU B 163 -2.70 -21.21 -11.48
N SER B 164 -2.50 -22.47 -11.86
CA SER B 164 -1.29 -23.18 -11.45
C SER B 164 -0.04 -22.46 -11.96
N PHE B 165 -0.07 -21.99 -13.21
CA PHE B 165 1.10 -21.32 -13.77
C PHE B 165 1.42 -20.03 -13.04
N SER B 166 0.39 -19.23 -12.71
CA SER B 166 0.63 -18.01 -11.96
C SER B 166 1.25 -18.31 -10.61
N TYR B 167 0.78 -19.38 -9.96
CA TYR B 167 1.29 -19.78 -8.65
C TYR B 167 2.76 -20.17 -8.73
N GLN B 168 3.10 -21.01 -9.71
CA GLN B 168 4.47 -21.50 -9.82
C GLN B 168 5.45 -20.38 -10.17
N VAL B 169 5.06 -19.49 -11.07
CA VAL B 169 5.94 -18.37 -11.40
C VAL B 169 6.15 -17.47 -10.19
N ALA B 170 5.09 -17.26 -9.40
CA ALA B 170 5.21 -16.47 -8.19
C ALA B 170 6.17 -17.12 -7.20
N LYS B 171 6.11 -18.45 -7.07
CA LYS B 171 7.03 -19.15 -6.18
C LYS B 171 8.47 -19.00 -6.65
N GLY B 172 8.70 -19.14 -7.96
CA GLY B 172 10.05 -18.97 -8.48
C GLY B 172 10.59 -17.56 -8.26
N MET B 173 9.72 -16.56 -8.41
CA MET B 173 10.15 -15.19 -8.19
C MET B 173 10.36 -14.90 -6.71
N ALA B 174 9.51 -15.48 -5.84
CA ALA B 174 9.73 -15.34 -4.41
C ALA B 174 11.07 -15.91 -3.99
N PHE B 175 11.47 -17.03 -4.60
CA PHE B 175 12.78 -17.61 -4.34
C PHE B 175 13.90 -16.67 -4.77
N LEU B 176 13.78 -16.09 -5.98
CA LEU B 176 14.81 -15.17 -6.45
C LEU B 176 14.95 -13.97 -5.51
N ALA B 177 13.83 -13.39 -5.10
CA ALA B 177 13.88 -12.25 -4.20
C ALA B 177 14.51 -12.62 -2.87
N SER B 178 14.23 -13.83 -2.38
CA SER B 178 14.82 -14.26 -1.11
C SER B 178 16.33 -14.34 -1.20
N LYS B 179 16.87 -14.62 -2.37
CA LYS B 179 18.31 -14.61 -2.61
C LYS B 179 18.81 -13.24 -3.04
N ASN B 180 18.00 -12.19 -2.87
CA ASN B 180 18.37 -10.82 -3.20
C ASN B 180 18.77 -10.69 -4.66
N CYS B 181 18.01 -11.34 -5.54
CA CYS B 181 18.22 -11.30 -6.97
CA CYS B 181 18.23 -11.26 -6.97
C CYS B 181 16.98 -10.74 -7.66
N ILE B 182 17.20 -9.92 -8.69
CA ILE B 182 16.12 -9.41 -9.53
C ILE B 182 16.35 -9.94 -10.94
N HIS B 183 15.27 -10.35 -11.60
CA HIS B 183 15.39 -10.99 -12.91
C HIS B 183 15.51 -9.96 -14.03
N ARG B 184 14.67 -8.92 -13.98
CA ARG B 184 14.63 -7.78 -14.90
C ARG B 184 14.13 -8.12 -16.29
N ASP B 185 13.70 -9.37 -16.55
CA ASP B 185 13.10 -9.69 -17.84
C ASP B 185 12.00 -10.73 -17.69
N LEU B 186 11.18 -10.57 -16.64
CA LEU B 186 10.06 -11.48 -16.45
C LEU B 186 8.99 -11.23 -17.50
N ALA B 187 8.61 -12.30 -18.20
CA ALA B 187 7.63 -12.25 -19.29
C ALA B 187 7.27 -13.67 -19.67
N ALA B 188 6.11 -13.84 -20.30
CA ALA B 188 5.67 -15.18 -20.68
C ALA B 188 6.68 -15.86 -21.61
N ARG B 189 7.41 -15.09 -22.41
CA ARG B 189 8.41 -15.68 -23.30
C ARG B 189 9.59 -16.27 -22.54
N ASN B 190 9.81 -15.84 -21.29
CA ASN B 190 10.92 -16.33 -20.48
C ASN B 190 10.46 -17.30 -19.38
N ILE B 191 9.26 -17.84 -19.52
CA ILE B 191 8.77 -18.93 -18.67
C ILE B 191 8.67 -20.16 -19.55
N LEU B 192 9.33 -21.24 -19.14
CA LEU B 192 9.35 -22.48 -19.91
C LEU B 192 8.46 -23.53 -19.24
N LEU B 193 7.86 -24.38 -20.06
CA LEU B 193 7.01 -25.46 -19.61
C LEU B 193 7.72 -26.79 -19.82
N THR B 194 7.71 -27.64 -18.78
CA THR B 194 8.36 -28.93 -18.87
C THR B 194 7.41 -30.02 -18.38
N HIS B 195 7.94 -31.22 -18.13
CA HIS B 195 7.09 -32.36 -17.78
C HIS B 195 6.24 -32.09 -16.55
N GLY B 196 5.00 -32.58 -16.58
CA GLY B 196 4.12 -32.43 -15.44
C GLY B 196 3.55 -31.06 -15.22
N ASN B 197 3.51 -30.23 -16.28
CA ASN B 197 2.98 -28.87 -16.20
C ASN B 197 3.75 -28.01 -15.19
N ILE B 198 5.05 -28.26 -15.06
CA ILE B 198 5.91 -27.43 -14.23
C ILE B 198 6.46 -26.29 -15.07
N THR B 199 6.31 -25.06 -14.58
CA THR B 199 6.83 -23.88 -15.24
C THR B 199 8.13 -23.45 -14.57
N LYS B 200 9.10 -23.03 -15.39
CA LYS B 200 10.41 -22.64 -14.90
C LYS B 200 10.82 -21.31 -15.50
N ILE B 201 11.33 -20.41 -14.67
CA ILE B 201 11.83 -19.12 -15.11
C ILE B 201 13.21 -19.32 -15.73
N CYS B 202 13.43 -18.71 -16.91
CA CYS B 202 14.68 -18.87 -17.63
C CYS B 202 15.23 -17.51 -18.05
N ASP B 203 16.36 -17.56 -18.78
CA ASP B 203 17.04 -16.39 -19.34
C ASP B 203 17.44 -15.41 -18.24
N PHE B 204 18.59 -15.66 -17.61
CA PHE B 204 19.11 -14.80 -16.55
C PHE B 204 20.19 -13.86 -17.04
N GLY B 205 20.14 -13.46 -18.31
CA GLY B 205 21.15 -12.57 -18.84
C GLY B 205 21.13 -11.20 -18.15
N LEU B 206 19.94 -10.69 -17.88
CA LEU B 206 19.78 -9.38 -17.25
C LEU B 206 19.66 -9.46 -15.73
N ALA B 207 19.62 -10.68 -15.17
CA ALA B 207 19.47 -10.82 -13.73
C ALA B 207 20.63 -10.18 -12.99
N ARG B 208 20.33 -9.60 -11.83
CA ARG B 208 21.32 -8.93 -11.00
C ARG B 208 21.09 -9.28 -9.54
N ASP B 209 22.17 -9.41 -8.80
CA ASP B 209 22.15 -9.40 -7.34
C ASP B 209 22.35 -7.96 -6.89
N ILE B 210 21.43 -7.46 -6.04
CA ILE B 210 21.40 -6.03 -5.74
C ILE B 210 22.07 -5.67 -4.42
N LYS B 211 22.40 -6.63 -3.58
CA LYS B 211 23.16 -6.37 -2.34
C LYS B 211 22.55 -5.26 -1.48
N SER B 214 20.44 -0.60 -2.42
CA SER B 214 19.44 -1.65 -2.34
C SER B 214 18.56 -1.66 -3.60
N ASN B 215 19.09 -1.08 -4.67
CA ASN B 215 18.48 -1.18 -5.98
C ASN B 215 19.58 -1.43 -7.00
N TYR B 216 19.19 -1.62 -8.26
CA TYR B 216 20.12 -1.73 -9.36
C TYR B 216 19.87 -0.59 -10.33
N VAL B 217 20.93 0.12 -10.72
CA VAL B 217 20.85 1.21 -11.68
C VAL B 217 21.56 0.76 -12.95
N ASP B 218 20.82 0.70 -14.04
CA ASP B 218 21.37 0.28 -15.32
C ASP B 218 22.09 1.45 -15.99
N LYS B 219 23.40 1.31 -16.18
CA LYS B 219 24.20 2.31 -16.86
C LYS B 219 24.43 1.98 -18.32
N GLY B 220 23.83 0.89 -18.82
CA GLY B 220 24.12 0.43 -20.16
C GLY B 220 23.17 0.95 -21.21
N ASN B 221 23.46 0.61 -22.46
CA ASN B 221 22.64 0.96 -23.60
C ASN B 221 22.30 -0.34 -24.32
N ALA B 222 21.09 -0.84 -24.11
CA ALA B 222 20.67 -2.11 -24.68
C ALA B 222 19.17 -2.05 -24.94
N ARG B 223 18.71 -2.87 -25.88
CA ARG B 223 17.28 -3.01 -26.10
C ARG B 223 16.62 -3.60 -24.87
N LEU B 224 15.51 -3.01 -24.47
CA LEU B 224 14.87 -3.38 -23.21
C LEU B 224 13.41 -3.70 -23.45
N PRO B 225 12.82 -4.58 -22.64
CA PRO B 225 11.41 -4.99 -22.83
C PRO B 225 10.44 -3.95 -22.26
N VAL B 226 10.24 -2.88 -23.03
CA VAL B 226 9.61 -1.68 -22.51
C VAL B 226 8.22 -1.96 -21.96
N LYS B 227 7.42 -2.77 -22.66
CA LYS B 227 6.05 -2.96 -22.23
C LYS B 227 5.93 -3.81 -20.96
N TRP B 228 7.00 -4.45 -20.52
CA TRP B 228 7.00 -5.19 -19.27
C TRP B 228 7.64 -4.43 -18.11
N MET B 229 8.16 -3.24 -18.36
CA MET B 229 8.98 -2.53 -17.38
C MET B 229 8.16 -1.55 -16.54
N ALA B 230 8.53 -1.45 -15.27
CA ALA B 230 7.93 -0.47 -14.39
C ALA B 230 8.31 0.94 -14.83
N PRO B 231 7.47 1.94 -14.53
CA PRO B 231 7.78 3.31 -14.98
C PRO B 231 9.09 3.84 -14.43
N GLU B 232 9.43 3.53 -13.18
CA GLU B 232 10.68 4.01 -12.61
C GLU B 232 11.88 3.39 -13.32
N SER B 233 11.71 2.19 -13.90
CA SER B 233 12.79 1.58 -14.67
C SER B 233 12.94 2.26 -16.03
N ILE B 234 11.83 2.58 -16.67
CA ILE B 234 11.89 3.31 -17.93
C ILE B 234 12.45 4.71 -17.71
N PHE B 235 11.90 5.44 -16.75
CA PHE B 235 12.18 6.86 -16.62
C PHE B 235 13.48 7.15 -15.88
N ASN B 236 13.90 6.26 -14.99
CA ASN B 236 15.08 6.50 -14.17
C ASN B 236 16.07 5.34 -14.14
N SER B 237 15.83 4.28 -14.92
CA SER B 237 16.73 3.13 -15.00
C SER B 237 16.95 2.47 -13.63
N VAL B 238 15.95 2.57 -12.75
CA VAL B 238 16.01 2.01 -11.41
C VAL B 238 15.28 0.67 -11.41
N TYR B 239 15.91 -0.36 -10.85
CA TYR B 239 15.32 -1.70 -10.78
C TYR B 239 15.39 -2.20 -9.35
N THR B 240 14.30 -2.82 -8.91
CA THR B 240 14.15 -3.28 -7.54
C THR B 240 13.38 -4.60 -7.53
N PHE B 241 13.20 -5.16 -6.34
CA PHE B 241 12.21 -6.22 -6.15
C PHE B 241 10.85 -5.76 -6.68
N GLU B 242 10.50 -4.50 -6.42
CA GLU B 242 9.18 -3.99 -6.78
C GLU B 242 9.02 -3.88 -8.30
N SER B 243 10.11 -3.66 -9.03
CA SER B 243 9.99 -3.57 -10.48
C SER B 243 9.79 -4.94 -11.11
N ASP B 244 10.35 -5.99 -10.50
CA ASP B 244 10.03 -7.35 -10.93
C ASP B 244 8.56 -7.65 -10.71
N VAL B 245 7.98 -7.15 -9.61
CA VAL B 245 6.57 -7.37 -9.34
C VAL B 245 5.71 -6.74 -10.42
N TRP B 246 6.07 -5.54 -10.86
CA TRP B 246 5.36 -4.92 -11.98
C TRP B 246 5.35 -5.85 -13.19
N SER B 247 6.52 -6.41 -13.55
CA SER B 247 6.58 -7.30 -14.70
C SER B 247 5.73 -8.53 -14.50
N TYR B 248 5.65 -9.02 -13.26
CA TYR B 248 4.81 -10.17 -12.97
C TYR B 248 3.35 -9.86 -13.28
N GLY B 249 2.91 -8.63 -13.00
CA GLY B 249 1.54 -8.25 -13.34
C GLY B 249 1.30 -8.25 -14.84
N ILE B 250 2.27 -7.79 -15.62
CA ILE B 250 2.15 -7.87 -17.08
C ILE B 250 2.11 -9.32 -17.53
N PHE B 251 2.92 -10.17 -16.88
CA PHE B 251 2.90 -11.60 -17.19
C PHE B 251 1.52 -12.20 -16.94
N LEU B 252 0.89 -11.83 -15.82
CA LEU B 252 -0.45 -12.31 -15.54
C LEU B 252 -1.43 -11.91 -16.64
N TRP B 253 -1.25 -10.70 -17.19
CA TRP B 253 -2.12 -10.26 -18.27
C TRP B 253 -1.89 -11.08 -19.53
N GLU B 254 -0.62 -11.33 -19.88
CA GLU B 254 -0.30 -12.25 -20.97
C GLU B 254 -0.95 -13.60 -20.75
N LEU B 255 -0.86 -14.11 -19.52
CA LEU B 255 -1.32 -15.47 -19.23
C LEU B 255 -2.83 -15.59 -19.42
N PHE B 256 -3.60 -14.72 -18.80
CA PHE B 256 -5.05 -14.85 -18.83
C PHE B 256 -5.67 -14.30 -20.11
N SER B 257 -4.93 -13.57 -20.93
CA SER B 257 -5.35 -13.25 -22.28
C SER B 257 -4.94 -14.33 -23.29
N LEU B 258 -4.34 -15.42 -22.80
CA LEU B 258 -3.92 -16.54 -23.64
C LEU B 258 -2.89 -16.09 -24.68
N GLY B 259 -1.93 -15.29 -24.25
CA GLY B 259 -0.79 -14.96 -25.07
C GLY B 259 -0.93 -13.74 -25.95
N SER B 260 -1.86 -12.85 -25.65
CA SER B 260 -1.93 -11.59 -26.39
C SER B 260 -0.74 -10.71 -26.03
N SER B 261 -0.36 -9.84 -26.95
CA SER B 261 0.69 -8.87 -26.66
C SER B 261 0.16 -7.79 -25.72
N PRO B 262 0.96 -7.33 -24.76
CA PRO B 262 0.49 -6.29 -23.84
C PRO B 262 0.26 -4.98 -24.58
N TYR B 263 -0.62 -4.17 -24.00
CA TYR B 263 -1.06 -2.89 -24.57
C TYR B 263 -1.35 -3.07 -26.07
N PRO B 264 -2.32 -3.91 -26.42
CA PRO B 264 -2.54 -4.21 -27.85
C PRO B 264 -2.81 -2.95 -28.67
N GLY B 265 -2.15 -2.86 -29.81
CA GLY B 265 -2.33 -1.73 -30.70
C GLY B 265 -1.54 -0.48 -30.35
N MET B 266 -1.00 -0.39 -29.13
CA MET B 266 -0.25 0.79 -28.72
C MET B 266 1.21 0.58 -29.05
N PRO B 267 1.80 1.31 -30.00
CA PRO B 267 3.24 1.23 -30.21
C PRO B 267 3.98 1.94 -29.10
N VAL B 268 5.23 1.52 -28.89
CA VAL B 268 6.10 2.19 -27.91
C VAL B 268 6.54 3.52 -28.50
N ASP B 269 5.89 4.60 -28.05
CA ASP B 269 6.23 5.95 -28.53
C ASP B 269 5.97 6.92 -27.38
N SER B 270 6.00 8.22 -27.70
CA SER B 270 5.81 9.23 -26.66
CA SER B 270 5.81 9.25 -26.68
C SER B 270 4.43 9.14 -26.02
N LYS B 271 3.40 8.77 -26.81
CA LYS B 271 2.06 8.66 -26.24
C LYS B 271 1.97 7.54 -25.23
N PHE B 272 2.67 6.43 -25.49
CA PHE B 272 2.65 5.30 -24.55
C PHE B 272 3.24 5.69 -23.20
N TYR B 273 4.44 6.27 -23.22
CA TYR B 273 5.08 6.69 -21.97
C TYR B 273 4.19 7.67 -21.21
N LYS B 274 3.61 8.64 -21.92
CA LYS B 274 2.78 9.65 -21.27
C LYS B 274 1.57 9.02 -20.61
N MET B 275 0.93 8.07 -21.28
CA MET B 275 -0.25 7.42 -20.70
C MET B 275 0.12 6.58 -19.48
N ILE B 276 1.24 5.86 -19.55
CA ILE B 276 1.69 5.07 -18.40
C ILE B 276 1.97 5.97 -17.21
N LYS B 277 2.66 7.09 -17.45
CA LYS B 277 2.99 7.99 -16.36
C LYS B 277 1.75 8.60 -15.73
N GLU B 278 0.72 8.88 -16.53
CA GLU B 278 -0.50 9.47 -16.01
C GLU B 278 -1.41 8.48 -15.32
N GLY B 279 -1.16 7.18 -15.45
CA GLY B 279 -1.90 6.20 -14.69
C GLY B 279 -2.71 5.22 -15.51
N PHE B 280 -2.54 5.24 -16.83
CA PHE B 280 -3.25 4.26 -17.65
C PHE B 280 -2.76 2.85 -17.33
N ARG B 281 -3.72 1.93 -17.20
CA ARG B 281 -3.44 0.53 -16.96
C ARG B 281 -4.37 -0.31 -17.83
N MET B 282 -3.87 -1.47 -18.24
CA MET B 282 -4.68 -2.39 -19.04
C MET B 282 -5.90 -2.86 -18.25
N SER B 283 -7.01 -3.02 -18.97
CA SER B 283 -8.19 -3.62 -18.37
C SER B 283 -8.01 -5.13 -18.28
N SER B 284 -8.96 -5.79 -17.60
CA SER B 284 -8.82 -7.21 -17.32
C SER B 284 -9.01 -8.04 -18.60
N PRO B 285 -8.20 -9.08 -18.79
CA PRO B 285 -8.52 -10.06 -19.83
C PRO B 285 -9.84 -10.74 -19.51
N GLU B 286 -10.49 -11.24 -20.57
CA GLU B 286 -11.83 -11.83 -20.42
C GLU B 286 -11.82 -12.98 -19.42
N TYR B 287 -10.81 -13.84 -19.48
CA TYR B 287 -10.77 -15.05 -18.69
C TYR B 287 -10.01 -14.90 -17.38
N ALA B 288 -9.60 -13.69 -17.04
CA ALA B 288 -8.93 -13.50 -15.75
C ALA B 288 -9.96 -13.51 -14.63
N PRO B 289 -9.78 -14.33 -13.60
CA PRO B 289 -10.60 -14.19 -12.40
C PRO B 289 -10.43 -12.80 -11.80
N ALA B 290 -11.51 -12.29 -11.20
CA ALA B 290 -11.49 -10.93 -10.66
C ALA B 290 -10.39 -10.78 -9.61
N GLU B 291 -10.19 -11.79 -8.78
CA GLU B 291 -9.14 -11.72 -7.76
C GLU B 291 -7.74 -11.73 -8.38
N MET B 292 -7.59 -12.31 -9.57
CA MET B 292 -6.29 -12.25 -10.24
C MET B 292 -6.06 -10.89 -10.88
N TYR B 293 -7.11 -10.27 -11.43
CA TYR B 293 -6.96 -8.91 -11.92
C TYR B 293 -6.67 -7.94 -10.79
N ASP B 294 -7.21 -8.22 -9.59
CA ASP B 294 -6.87 -7.40 -8.43
C ASP B 294 -5.36 -7.42 -8.17
N ILE B 295 -4.74 -8.60 -8.28
CA ILE B 295 -3.29 -8.71 -8.10
C ILE B 295 -2.58 -7.88 -9.16
N MET B 296 -3.01 -8.02 -10.42
CA MET B 296 -2.41 -7.24 -11.50
C MET B 296 -2.41 -5.75 -11.18
N LYS B 297 -3.57 -5.24 -10.74
CA LYS B 297 -3.69 -3.80 -10.46
C LYS B 297 -2.74 -3.36 -9.35
N THR B 298 -2.58 -4.19 -8.32
CA THR B 298 -1.64 -3.85 -7.25
C THR B 298 -0.20 -3.93 -7.73
N CYS B 299 0.10 -4.86 -8.63
CA CYS B 299 1.44 -4.93 -9.21
C CYS B 299 1.78 -3.69 -10.00
N TRP B 300 0.77 -3.01 -10.56
CA TRP B 300 0.97 -1.85 -11.41
C TRP B 300 0.80 -0.53 -10.68
N ASP B 301 0.85 -0.55 -9.35
CA ASP B 301 0.73 0.69 -8.60
C ASP B 301 1.89 1.61 -8.95
N ALA B 302 1.58 2.89 -9.22
CA ALA B 302 2.63 3.86 -9.52
C ALA B 302 3.64 3.96 -8.39
N ASP B 303 3.19 3.77 -7.16
CA ASP B 303 4.08 3.81 -6.01
C ASP B 303 4.65 2.41 -5.80
N PRO B 304 5.97 2.21 -5.96
CA PRO B 304 6.54 0.87 -5.75
C PRO B 304 6.27 0.30 -4.37
N ASP B 305 6.16 1.14 -3.35
CA ASP B 305 5.94 0.66 -1.99
C ASP B 305 4.59 -0.02 -1.85
N LYS B 306 3.59 0.40 -2.62
CA LYS B 306 2.25 -0.17 -2.48
C LYS B 306 2.08 -1.47 -3.26
N ARG B 307 3.06 -1.84 -4.08
CA ARG B 307 2.99 -3.12 -4.77
C ARG B 307 3.19 -4.25 -3.76
N PRO B 308 2.56 -5.40 -3.99
CA PRO B 308 2.77 -6.54 -3.09
C PRO B 308 4.13 -7.17 -3.34
N THR B 309 4.58 -7.94 -2.34
CA THR B 309 5.74 -8.79 -2.50
C THR B 309 5.33 -10.11 -3.13
N PHE B 310 6.33 -10.82 -3.68
CA PHE B 310 6.03 -12.14 -4.23
C PHE B 310 5.58 -13.10 -3.15
N LYS B 311 6.12 -12.94 -1.93
CA LYS B 311 5.66 -13.77 -0.81
C LYS B 311 4.18 -13.55 -0.54
N GLN B 312 3.72 -12.30 -0.62
CA GLN B 312 2.29 -12.00 -0.44
C GLN B 312 1.48 -12.54 -1.62
N ILE B 313 2.02 -12.44 -2.84
CA ILE B 313 1.31 -12.95 -4.00
C ILE B 313 1.13 -14.47 -3.89
N VAL B 314 2.17 -15.17 -3.44
CA VAL B 314 2.07 -16.62 -3.30
C VAL B 314 0.96 -16.99 -2.32
N GLN B 315 0.90 -16.27 -1.19
CA GLN B 315 -0.15 -16.56 -0.20
C GLN B 315 -1.52 -16.25 -0.76
N ASP B 316 -1.65 -15.17 -1.54
CA ASP B 316 -2.93 -14.82 -2.15
C ASP B 316 -3.38 -15.90 -3.12
N ILE B 317 -2.51 -16.32 -4.03
CA ILE B 317 -2.89 -17.31 -5.03
C ILE B 317 -3.14 -18.66 -4.38
N GLU B 318 -2.38 -18.98 -3.33
CA GLU B 318 -2.59 -20.22 -2.57
C GLU B 318 -4.05 -20.35 -2.14
N LYS B 319 -4.59 -19.30 -1.53
CA LYS B 319 -5.97 -19.34 -1.07
C LYS B 319 -6.94 -19.48 -2.23
N GLN B 320 -6.64 -18.82 -3.35
CA GLN B 320 -7.52 -18.91 -4.52
C GLN B 320 -7.59 -20.35 -5.03
N ILE B 321 -6.46 -21.04 -5.07
CA ILE B 321 -6.44 -22.42 -5.54
C ILE B 321 -7.25 -23.31 -4.61
N SER B 322 -7.05 -23.15 -3.30
CA SER B 322 -7.79 -23.97 -2.34
C SER B 322 -9.28 -23.71 -2.43
N GLU B 323 -9.69 -22.44 -2.56
CA GLU B 323 -11.11 -22.12 -2.67
C GLU B 323 -11.69 -22.67 -3.97
N SER B 324 -10.90 -22.72 -5.04
CA SER B 324 -11.42 -23.22 -6.31
C SER B 324 -11.66 -24.72 -6.31
N THR B 325 -11.12 -25.44 -5.33
CA THR B 325 -11.39 -26.86 -5.20
C THR B 325 -12.63 -27.05 -4.34
C10 9KI C . -18.82 15.74 25.21
C13 9KI C . -17.68 18.89 23.36
C15 9KI C . -16.73 21.06 24.25
C17 9KI C . -16.54 23.15 25.24
C21 9KI C . -15.01 26.97 22.91
C26 9KI C . -18.05 25.67 23.26
C28 9KI C . -20.42 25.84 23.43
C01 9KI C . -17.19 11.49 32.60
C04 9KI C . -16.68 14.34 30.50
C05 9KI C . -17.62 13.60 29.78
C06 9KI C . -18.25 13.98 28.39
C07 9KI C . -19.30 13.34 27.80
C09 9KI C . -18.71 14.96 26.40
C12 9KI C . -17.72 17.28 23.52
C18 9KI C . -16.74 23.71 24.00
C19 9KI C . -16.74 25.26 23.85
C23 9KI C . -13.39 28.41 21.99
C25 9KI C . -16.58 25.84 25.25
C27 9KI C . -19.20 25.46 23.96
C29 9KI C . -20.47 26.44 22.16
C31 9KI C . -19.32 26.66 21.45
C32 9KI C . -18.11 26.27 21.98
C33 9KI C . -16.94 22.90 22.87
C35 9KI C . -17.01 19.22 25.80
C36 9KI C . -17.04 17.63 26.01
C38 9KI C . -20.61 14.40 24.52
C40 9KI C . -17.86 14.99 27.53
C41 9KI C . -17.89 12.46 30.49
F30 9KI C . -21.69 26.80 21.64
N02 9KI C . -17.18 12.50 31.58
N03 9KI C . -16.42 13.66 31.61
N08 9KI C . -19.55 13.97 26.58
N11 9KI C . -17.90 16.86 24.91
N14 9KI C . -16.73 19.61 24.42
N16 9KI C . -16.54 21.80 25.33
N20 9KI C . -15.65 25.61 22.95
N34 9KI C . -16.93 21.58 23.03
N37 9KI C . -19.75 15.44 24.31
N39 9KI C . -20.51 13.66 25.66
O22 9KI C . -13.70 27.08 22.41
O24 9KI C . -15.59 27.90 23.26
C10 9KI D . 15.53 -22.92 -23.11
C13 9KI D . 16.33 -19.04 -22.99
C15 9KI D . 17.50 -17.93 -25.08
C17 9KI D . 19.06 -16.25 -24.69
C21 9KI D . 19.99 -12.43 -26.78
C26 9KI D . 21.52 -15.30 -26.08
C28 9KI D . 23.43 -14.63 -24.82
C01 9KI D . 10.39 -25.08 -29.23
C04 9KI D . 11.60 -26.70 -26.28
C05 9KI D . 12.26 -25.47 -26.22
C06 9KI D . 13.27 -25.04 -25.10
C07 9KI D . 13.72 -25.84 -24.10
C09 9KI D . 14.68 -23.86 -23.78
C12 9KI D . 16.37 -20.61 -22.57
C18 9KI D . 19.18 -16.10 -26.06
C19 9KI D . 20.15 -15.02 -26.62
C23 9KI D . 19.80 -10.08 -26.49
C25 9KI D . 20.15 -15.13 -28.14
C27 9KI D . 22.17 -14.37 -25.31
C29 9KI D . 24.05 -15.86 -25.11
C31 9KI D . 23.41 -16.80 -25.87
C32 9KI D . 22.15 -16.54 -26.37
C33 9KI D . 18.42 -16.89 -26.94
C35 9KI D . 15.46 -19.43 -25.33
C36 9KI D . 15.19 -20.98 -24.96
C38 9KI D . 16.07 -24.58 -21.54
C40 9KI D . 13.84 -23.80 -24.94
C41 9KI D . 11.88 -24.74 -27.32
F30 9KI D . 25.31 -16.12 -24.62
N02 9KI D . 11.03 -25.48 -27.99
N03 9KI D . 10.84 -26.69 -27.37
N08 9KI D . 14.59 -25.08 -23.31
N11 9KI D . 15.70 -21.51 -23.53
N14 9KI D . 16.57 -18.93 -24.54
N16 9KI D . 18.19 -17.19 -24.23
N20 9KI D . 19.64 -13.73 -26.15
N34 9KI D . 17.58 -17.80 -26.41
N37 9KI D . 16.19 -23.30 -22.02
N39 9KI D . 15.27 -25.47 -22.19
O22 9KI D . 19.12 -11.34 -26.58
O24 9KI D . 20.94 -12.30 -27.41
#